data_3L19
#
_entry.id   3L19
#
_cell.length_a   92.570
_cell.length_b   64.187
_cell.length_c   72.807
_cell.angle_alpha   90.00
_cell.angle_beta   97.86
_cell.angle_gamma   90.00
#
_symmetry.space_group_name_H-M   'C 1 2 1'
#
loop_
_entity.id
_entity.type
_entity.pdbx_description
1 polymer 'Calcium/calmodulin dependent protein kinase with a kinase domain and 4 calmodulin like EF hands'
2 non-polymer 'CALCIUM ION'
3 non-polymer GLYCEROL
4 non-polymer 'PENTAETHYLENE GLYCOL'
5 water water
#
_entity_poly.entity_id   1
_entity_poly.type   'polypeptide(L)'
_entity_poly.pdbx_seq_one_letter_code
;MHHHHHHSSGRENLYFQGKESGIELPSLANAIENMRKFQNSQKLAQAALLYMASKLTSQEETKELTDIFRHIDKNGDGQL
DRQELIDGYSKLSGEEVAVFDLPQIESEVDAILGAADFDRNGYIDYSEFVTVAMDRKSLLSKDKLESAFQKFDQDGNGKI
SVDELASVFGLDHLESKTWKEMISGIDSNNDGDVDFEEFCKMIQKLCSNNEPQL
;
_entity_poly.pdbx_strand_id   A,B
#
loop_
_chem_comp.id
_chem_comp.type
_chem_comp.name
_chem_comp.formula
1PE non-polymer 'PENTAETHYLENE GLYCOL' 'C10 H22 O6'
CA non-polymer 'CALCIUM ION' 'Ca 2'
GOL non-polymer GLYCEROL 'C3 H8 O3'
#
# COMPACT_ATOMS: atom_id res chain seq x y z
N GLU A 24 -17.20 -32.39 -36.14
CA GLU A 24 -17.66 -33.78 -36.03
C GLU A 24 -18.67 -33.97 -34.87
N LEU A 25 -18.39 -33.40 -33.69
CA LEU A 25 -19.31 -33.51 -32.55
C LEU A 25 -19.59 -32.10 -31.98
N PRO A 26 -20.65 -31.40 -32.47
CA PRO A 26 -20.92 -30.03 -32.00
C PRO A 26 -21.18 -29.83 -30.51
N SER A 27 -21.83 -30.79 -29.83
CA SER A 27 -22.06 -30.63 -28.39
C SER A 27 -20.76 -30.72 -27.63
N LEU A 28 -19.81 -31.55 -28.06
CA LEU A 28 -18.52 -31.68 -27.37
C LEU A 28 -17.67 -30.42 -27.62
N ALA A 29 -17.69 -29.87 -28.84
CA ALA A 29 -16.95 -28.66 -29.19
C ALA A 29 -17.54 -27.48 -28.38
N ASN A 30 -18.89 -27.40 -28.26
CA ASN A 30 -19.57 -26.35 -27.45
C ASN A 30 -19.26 -26.49 -25.98
N ALA A 31 -19.17 -27.73 -25.48
CA ALA A 31 -18.83 -27.97 -24.05
C ALA A 31 -17.42 -27.47 -23.72
N ILE A 32 -16.44 -27.73 -24.62
CA ILE A 32 -15.07 -27.30 -24.39
C ILE A 32 -15.02 -25.76 -24.44
N GLU A 33 -15.67 -25.16 -25.44
CA GLU A 33 -15.68 -23.70 -25.61
C GLU A 33 -16.36 -22.98 -24.41
N ASN A 34 -17.52 -23.48 -23.93
CA ASN A 34 -18.19 -22.93 -22.75
C ASN A 34 -17.30 -22.97 -21.50
N MET A 35 -16.56 -24.08 -21.32
CA MET A 35 -15.67 -24.22 -20.18
C MET A 35 -14.49 -23.22 -20.28
N ARG A 36 -13.90 -23.08 -21.49
CA ARG A 36 -12.81 -22.15 -21.77
C ARG A 36 -13.26 -20.72 -21.55
N LYS A 37 -14.45 -20.34 -22.05
CA LYS A 37 -15.05 -19.02 -21.85
C LYS A 37 -15.15 -18.76 -20.34
N PHE A 38 -15.69 -19.71 -19.55
CA PHE A 38 -15.81 -19.55 -18.09
C PHE A 38 -14.43 -19.43 -17.42
N GLN A 39 -13.49 -20.35 -17.77
CA GLN A 39 -12.16 -20.36 -17.19
C GLN A 39 -11.38 -19.09 -17.49
N ASN A 40 -11.37 -18.65 -18.77
CA ASN A 40 -10.65 -17.45 -19.16
C ASN A 40 -11.28 -16.14 -18.68
N SER A 41 -12.63 -16.04 -18.61
CA SER A 41 -13.29 -14.84 -18.08
C SER A 41 -13.05 -14.72 -16.56
N GLN A 42 -13.03 -15.86 -15.81
CA GLN A 42 -12.72 -15.89 -14.36
C GLN A 42 -11.27 -15.46 -14.12
N LYS A 43 -10.31 -15.98 -14.93
CA LYS A 43 -8.90 -15.64 -14.86
C LYS A 43 -8.67 -14.13 -15.05
N LEU A 44 -9.37 -13.49 -16.00
CA LEU A 44 -9.24 -12.05 -16.20
C LEU A 44 -9.78 -11.26 -14.99
N ALA A 45 -10.96 -11.62 -14.47
CA ALA A 45 -11.60 -10.95 -13.35
C ALA A 45 -10.72 -11.15 -12.08
N GLN A 46 -10.14 -12.33 -11.90
CA GLN A 46 -9.27 -12.63 -10.78
C GLN A 46 -7.98 -11.79 -10.80
N ALA A 47 -7.36 -11.63 -12.00
CA ALA A 47 -6.15 -10.83 -12.20
C ALA A 47 -6.41 -9.36 -11.86
N ALA A 48 -7.58 -8.80 -12.25
CA ALA A 48 -7.94 -7.43 -11.94
C ALA A 48 -8.17 -7.25 -10.44
N LEU A 49 -8.89 -8.18 -9.81
CA LEU A 49 -9.15 -8.14 -8.36
C LEU A 49 -7.87 -8.32 -7.59
N LEU A 50 -7.02 -9.28 -7.99
CA LEU A 50 -5.73 -9.43 -7.32
C LEU A 50 -4.84 -8.15 -7.47
N TYR A 51 -4.88 -7.45 -8.62
CA TYR A 51 -4.13 -6.22 -8.79
C TYR A 51 -4.64 -5.19 -7.74
N MET A 52 -5.96 -5.02 -7.63
CA MET A 52 -6.58 -4.08 -6.72
C MET A 52 -6.20 -4.39 -5.25
N ALA A 53 -6.27 -5.67 -4.86
CA ALA A 53 -5.99 -6.11 -3.49
C ALA A 53 -4.53 -5.99 -3.10
N SER A 54 -3.62 -6.31 -4.01
CA SER A 54 -2.21 -6.28 -3.67
C SER A 54 -1.49 -4.95 -3.96
N LYS A 55 -1.99 -4.17 -4.94
CA LYS A 55 -1.32 -2.94 -5.39
C LYS A 55 -2.04 -1.64 -5.10
N LEU A 56 -3.34 -1.67 -4.76
CA LEU A 56 -4.09 -0.44 -4.51
C LEU A 56 -4.43 -0.26 -3.05
N THR A 57 -3.94 -1.18 -2.21
CA THR A 57 -4.31 -1.15 -0.81
C THR A 57 -3.17 -0.60 0.04
N SER A 58 -3.51 -0.08 1.22
CA SER A 58 -2.48 0.43 2.12
C SER A 58 -2.18 -0.61 3.20
N GLN A 59 -1.10 -0.42 3.97
CA GLN A 59 -0.80 -1.33 5.08
C GLN A 59 -1.82 -1.21 6.22
N GLU A 60 -2.33 0.02 6.46
CA GLU A 60 -3.31 0.25 7.51
C GLU A 60 -4.62 -0.50 7.17
N GLU A 61 -5.05 -0.48 5.92
CA GLU A 61 -6.28 -1.14 5.53
C GLU A 61 -6.25 -2.69 5.51
N THR A 62 -5.06 -3.27 5.48
CA THR A 62 -4.87 -4.73 5.50
C THR A 62 -4.14 -5.17 6.80
N LYS A 63 -4.04 -4.31 7.86
CA LYS A 63 -3.27 -4.65 9.07
C LYS A 63 -3.70 -5.95 9.75
N GLU A 64 -5.00 -6.13 9.94
CA GLU A 64 -5.58 -7.34 10.52
C GLU A 64 -5.27 -8.58 9.69
N LEU A 65 -5.40 -8.48 8.35
CA LEU A 65 -5.05 -9.57 7.41
C LEU A 65 -3.58 -9.94 7.48
N THR A 66 -2.72 -8.92 7.60
CA THR A 66 -1.27 -9.09 7.68
C THR A 66 -0.88 -9.82 8.95
N ASP A 67 -1.40 -9.38 10.13
CA ASP A 67 -1.16 -10.03 11.42
C ASP A 67 -1.61 -11.47 11.36
N ILE A 68 -2.81 -11.75 10.78
CA ILE A 68 -3.29 -13.15 10.60
C ILE A 68 -2.34 -13.94 9.69
N PHE A 69 -2.03 -13.40 8.51
CA PHE A 69 -1.15 -14.09 7.55
C PHE A 69 0.21 -14.42 8.21
N ARG A 70 0.84 -13.42 8.87
CA ARG A 70 2.13 -13.58 9.57
C ARG A 70 2.06 -14.65 10.67
N HIS A 71 0.95 -14.71 11.45
CA HIS A 71 0.75 -15.76 12.46
C HIS A 71 0.65 -17.16 11.85
N ILE A 72 -0.02 -17.32 10.72
CA ILE A 72 -0.16 -18.62 10.02
C ILE A 72 1.18 -19.00 9.31
N ASP A 73 1.88 -17.99 8.70
CA ASP A 73 3.17 -18.18 8.04
C ASP A 73 4.28 -18.38 9.08
N LYS A 74 4.38 -19.61 9.63
CA LYS A 74 5.35 -20.03 10.66
C LYS A 74 6.82 -19.99 10.23
N ASN A 75 7.13 -20.49 9.01
CA ASN A 75 8.50 -20.48 8.48
C ASN A 75 8.87 -19.10 7.87
N GLY A 76 7.91 -18.18 7.85
CA GLY A 76 8.06 -16.81 7.35
C GLY A 76 8.43 -16.67 5.88
N ASP A 77 8.17 -17.71 5.06
CA ASP A 77 8.52 -17.69 3.63
C ASP A 77 7.59 -16.87 2.69
N GLY A 78 6.61 -16.16 3.25
CA GLY A 78 5.67 -15.36 2.48
C GLY A 78 4.53 -16.12 1.82
N GLN A 79 4.36 -17.40 2.15
CA GLN A 79 3.28 -18.19 1.56
C GLN A 79 2.70 -19.14 2.59
N LEU A 80 1.42 -19.50 2.43
CA LEU A 80 0.75 -20.42 3.36
C LEU A 80 0.60 -21.77 2.72
N ASP A 81 1.30 -22.78 3.26
CA ASP A 81 1.17 -24.12 2.72
C ASP A 81 -0.01 -24.80 3.40
N ARG A 82 -0.41 -25.99 2.92
CA ARG A 82 -1.55 -26.75 3.47
C ARG A 82 -1.36 -27.11 4.98
N GLN A 83 -0.13 -27.43 5.42
CA GLN A 83 0.14 -27.80 6.81
C GLN A 83 0.03 -26.59 7.76
N GLU A 84 0.51 -25.40 7.30
CA GLU A 84 0.44 -24.14 8.04
C GLU A 84 -1.02 -23.73 8.20
N LEU A 85 -1.83 -23.90 7.15
CA LEU A 85 -3.27 -23.57 7.17
C LEU A 85 -4.04 -24.43 8.18
N ILE A 86 -3.65 -25.72 8.29
CA ILE A 86 -4.24 -26.71 9.22
C ILE A 86 -3.92 -26.29 10.67
N ASP A 87 -2.62 -26.12 11.00
CA ASP A 87 -2.12 -25.70 12.32
C ASP A 87 -2.62 -24.33 12.75
N GLY A 88 -2.79 -23.42 11.79
CA GLY A 88 -3.22 -22.05 12.04
C GLY A 88 -4.69 -21.79 11.82
N TYR A 89 -5.48 -22.85 11.66
CA TYR A 89 -6.92 -22.74 11.42
C TYR A 89 -7.64 -21.85 12.45
N SER A 90 -7.26 -21.94 13.72
CA SER A 90 -7.81 -21.15 14.83
C SER A 90 -7.69 -19.63 14.63
N LYS A 91 -6.64 -19.17 13.92
CA LYS A 91 -6.45 -17.75 13.61
C LYS A 91 -7.44 -17.30 12.52
N LEU A 92 -7.88 -18.24 11.65
CA LEU A 92 -8.87 -17.92 10.62
C LEU A 92 -10.28 -17.84 11.20
N SER A 93 -10.50 -18.41 12.24
CA SER A 93 -11.73 -18.45 13.04
C SER A 93 -11.38 -17.94 14.43
N GLU A 95 -11.50 -18.63 17.75
CA GLU A 95 -12.15 -19.86 18.21
C GLU A 95 -11.32 -21.13 18.09
N GLU A 96 -11.20 -21.81 19.22
CA GLU A 96 -10.47 -23.07 19.38
C GLU A 96 -11.13 -24.24 18.64
N VAL A 97 -10.32 -25.22 18.25
CA VAL A 97 -10.76 -26.44 17.55
C VAL A 97 -10.46 -27.66 18.41
N ALA A 98 -11.28 -28.73 18.26
CA ALA A 98 -11.10 -29.95 19.02
C ALA A 98 -9.99 -30.83 18.43
N VAL A 99 -9.30 -31.59 19.29
CA VAL A 99 -8.20 -32.51 18.97
C VAL A 99 -8.58 -33.54 17.88
N PHE A 100 -9.83 -34.02 17.90
CA PHE A 100 -10.37 -34.99 16.94
C PHE A 100 -10.93 -34.36 15.68
N ASP A 101 -10.88 -33.01 15.57
CA ASP A 101 -11.42 -32.26 14.42
C ASP A 101 -10.53 -32.14 13.17
N LEU A 102 -9.33 -32.76 13.16
CA LEU A 102 -8.41 -32.76 12.01
C LEU A 102 -9.07 -33.15 10.67
N PRO A 103 -9.88 -34.25 10.56
CA PRO A 103 -10.52 -34.54 9.26
C PRO A 103 -11.33 -33.38 8.69
N GLN A 104 -12.09 -32.67 9.55
CA GLN A 104 -12.89 -31.51 9.12
C GLN A 104 -12.02 -30.27 8.83
N ILE A 105 -10.97 -30.01 9.66
CA ILE A 105 -10.04 -28.89 9.44
C ILE A 105 -9.40 -29.07 8.05
N GLU A 106 -8.94 -30.31 7.73
CA GLU A 106 -8.34 -30.68 6.44
C GLU A 106 -9.31 -30.39 5.29
N SER A 107 -10.60 -30.74 5.48
CA SER A 107 -11.68 -30.51 4.53
C SER A 107 -11.88 -29.01 4.33
N GLU A 108 -11.89 -28.26 5.43
CA GLU A 108 -12.03 -26.79 5.45
C GLU A 108 -10.88 -26.07 4.74
N VAL A 109 -9.65 -26.56 4.95
CA VAL A 109 -8.42 -26.06 4.35
C VAL A 109 -8.47 -26.25 2.81
N ASP A 110 -8.90 -27.44 2.34
CA ASP A 110 -9.04 -27.73 0.90
C ASP A 110 -10.05 -26.78 0.22
N ALA A 111 -11.11 -26.37 0.92
CA ALA A 111 -12.07 -25.39 0.39
C ALA A 111 -11.40 -23.99 0.33
N ILE A 112 -10.59 -23.62 1.34
CA ILE A 112 -9.87 -22.33 1.37
C ILE A 112 -8.93 -22.32 0.15
N LEU A 113 -8.13 -23.40 -0.01
CA LEU A 113 -7.20 -23.49 -1.13
C LEU A 113 -7.95 -23.45 -2.46
N GLY A 114 -9.10 -24.11 -2.54
CA GLY A 114 -9.95 -24.10 -3.74
C GLY A 114 -10.45 -22.71 -4.11
N ALA A 115 -10.83 -21.91 -3.10
CA ALA A 115 -11.36 -20.56 -3.28
C ALA A 115 -10.27 -19.48 -3.51
N ALA A 116 -9.10 -19.66 -2.90
CA ALA A 116 -8.05 -18.64 -2.90
C ALA A 116 -6.83 -18.93 -3.72
N ASP A 117 -6.51 -20.21 -3.98
CA ASP A 117 -5.28 -20.51 -4.71
C ASP A 117 -5.48 -20.33 -6.23
N PHE A 118 -5.37 -19.07 -6.71
CA PHE A 118 -5.60 -18.71 -8.12
C PHE A 118 -4.65 -19.35 -9.13
N ASP A 119 -3.35 -19.38 -8.85
CA ASP A 119 -2.33 -19.94 -9.74
C ASP A 119 -2.15 -21.44 -9.56
N ARG A 120 -2.99 -22.07 -8.73
CA ARG A 120 -3.05 -23.51 -8.41
C ARG A 120 -1.70 -24.16 -8.08
N ASN A 121 -0.80 -23.41 -7.43
CA ASN A 121 0.52 -23.94 -7.05
C ASN A 121 0.53 -24.66 -5.68
N GLY A 122 -0.62 -24.74 -5.02
CA GLY A 122 -0.76 -25.38 -3.71
C GLY A 122 -0.37 -24.52 -2.52
N TYR A 123 -0.21 -23.21 -2.72
CA TYR A 123 0.12 -22.25 -1.65
C TYR A 123 -0.77 -21.01 -1.80
N ILE A 124 -1.04 -20.34 -0.67
CA ILE A 124 -1.78 -19.08 -0.67
C ILE A 124 -0.73 -18.01 -0.43
N ASP A 125 -0.39 -17.22 -1.45
CA ASP A 125 0.57 -16.15 -1.21
C ASP A 125 -0.18 -14.97 -0.62
N TYR A 126 0.54 -13.91 -0.20
CA TYR A 126 -0.07 -12.75 0.44
C TYR A 126 -1.18 -12.08 -0.40
N SER A 127 -0.93 -11.89 -1.69
CA SER A 127 -1.83 -11.30 -2.68
C SER A 127 -3.13 -12.07 -2.79
N GLU A 128 -3.05 -13.41 -2.81
CA GLU A 128 -4.25 -14.27 -2.90
C GLU A 128 -5.04 -14.20 -1.63
N PHE A 129 -4.34 -14.15 -0.48
CA PHE A 129 -4.97 -14.04 0.84
C PHE A 129 -5.76 -12.72 0.98
N VAL A 130 -5.14 -11.59 0.66
CA VAL A 130 -5.80 -10.26 0.73
C VAL A 130 -7.02 -10.23 -0.24
N THR A 131 -6.85 -10.74 -1.48
CA THR A 131 -7.92 -10.82 -2.49
C THR A 131 -9.20 -11.54 -1.94
N VAL A 132 -9.03 -12.68 -1.27
CA VAL A 132 -10.20 -13.42 -0.77
C VAL A 132 -10.71 -12.94 0.58
N ALA A 133 -9.81 -12.40 1.43
CA ALA A 133 -10.15 -12.06 2.82
C ALA A 133 -10.48 -10.62 3.14
N MET A 134 -10.08 -9.67 2.29
CA MET A 134 -10.34 -8.27 2.56
C MET A 134 -11.83 -7.89 2.46
N ASP A 135 -12.25 -6.95 3.31
CA ASP A 135 -13.59 -6.38 3.36
C ASP A 135 -13.89 -5.76 2.01
N ARG A 136 -14.97 -6.22 1.32
CA ARG A 136 -15.33 -5.72 -0.03
C ARG A 136 -15.63 -4.23 -0.03
N LYS A 137 -16.10 -3.66 1.12
CA LYS A 137 -16.37 -2.24 1.21
C LYS A 137 -15.08 -1.43 0.90
N SER A 138 -13.93 -1.84 1.46
CA SER A 138 -12.68 -1.12 1.17
C SER A 138 -12.00 -1.59 -0.12
N LEU A 139 -12.06 -2.90 -0.42
CA LEU A 139 -11.51 -3.44 -1.67
C LEU A 139 -12.24 -2.90 -2.93
N LEU A 140 -13.55 -2.71 -2.83
CA LEU A 140 -14.34 -2.31 -3.99
C LEU A 140 -14.71 -0.85 -4.00
N SER A 141 -13.87 0.01 -3.41
CA SER A 141 -14.13 1.46 -3.40
C SER A 141 -14.02 1.99 -4.82
N LYS A 142 -14.79 3.05 -5.15
CA LYS A 142 -14.80 3.63 -6.50
C LYS A 142 -13.41 3.99 -7.01
N ASP A 143 -12.57 4.60 -6.15
CA ASP A 143 -11.21 5.03 -6.49
C ASP A 143 -10.31 3.86 -6.85
N LYS A 144 -10.48 2.70 -6.17
CA LYS A 144 -9.71 1.49 -6.51
C LYS A 144 -10.18 0.94 -7.88
N LEU A 145 -11.50 0.98 -8.18
CA LEU A 145 -12.02 0.53 -9.47
C LEU A 145 -11.49 1.40 -10.62
N GLU A 146 -11.42 2.72 -10.39
CA GLU A 146 -10.92 3.70 -11.36
C GLU A 146 -9.43 3.50 -11.60
N SER A 147 -8.61 3.35 -10.53
CA SER A 147 -7.18 3.12 -10.66
C SER A 147 -6.90 1.80 -11.33
N ALA A 148 -7.65 0.74 -11.00
CA ALA A 148 -7.47 -0.58 -11.62
C ALA A 148 -7.73 -0.50 -13.11
N PHE A 149 -8.85 0.17 -13.51
CA PHE A 149 -9.22 0.36 -14.91
C PHE A 149 -8.16 1.14 -15.66
N GLN A 150 -7.66 2.24 -15.06
CA GLN A 150 -6.62 3.08 -15.67
C GLN A 150 -5.30 2.34 -15.83
N LYS A 151 -5.04 1.30 -15.01
CA LYS A 151 -3.83 0.49 -15.15
C LYS A 151 -3.95 -0.40 -16.38
N PHE A 152 -5.13 -0.97 -16.62
CA PHE A 152 -5.35 -1.83 -17.80
C PHE A 152 -5.47 -1.01 -19.10
N ASP A 153 -6.15 0.16 -19.06
CA ASP A 153 -6.34 1.05 -20.20
C ASP A 153 -5.06 1.89 -20.40
N GLN A 154 -4.01 1.25 -20.93
CA GLN A 154 -2.68 1.87 -21.11
C GLN A 154 -2.68 3.18 -21.89
N ASP A 155 -3.35 3.23 -23.06
CA ASP A 155 -3.42 4.43 -23.90
C ASP A 155 -4.43 5.50 -23.41
N GLY A 156 -5.18 5.19 -22.35
CA GLY A 156 -6.16 6.10 -21.74
C GLY A 156 -7.33 6.53 -22.61
N ASN A 157 -7.76 5.68 -23.58
CA ASN A 157 -8.87 6.02 -24.48
C ASN A 157 -10.28 5.65 -23.92
N GLY A 158 -10.34 5.07 -22.73
CA GLY A 158 -11.59 4.70 -22.08
C GLY A 158 -12.08 3.28 -22.32
N LYS A 159 -11.29 2.47 -23.03
CA LYS A 159 -11.60 1.07 -23.30
C LYS A 159 -10.37 0.15 -23.21
N ILE A 160 -10.53 -1.07 -22.66
CA ILE A 160 -9.41 -2.01 -22.57
C ILE A 160 -9.49 -2.91 -23.79
N SER A 161 -8.41 -2.96 -24.58
CA SER A 161 -8.33 -3.75 -25.81
C SER A 161 -7.44 -5.00 -25.68
N VAL A 162 -7.39 -5.83 -26.74
CA VAL A 162 -6.61 -7.09 -26.83
C VAL A 162 -5.16 -6.84 -26.49
N ASP A 163 -4.52 -5.90 -27.21
CA ASP A 163 -3.12 -5.53 -27.08
C ASP A 163 -2.82 -5.04 -25.68
N GLU A 164 -3.75 -4.25 -25.08
CA GLU A 164 -3.59 -3.77 -23.69
C GLU A 164 -3.69 -4.93 -22.71
N LEU A 165 -4.53 -5.92 -23.02
CA LEU A 165 -4.69 -7.11 -22.20
C LEU A 165 -3.41 -7.96 -22.30
N ALA A 166 -2.95 -8.24 -23.54
CA ALA A 166 -1.74 -9.00 -23.83
C ALA A 166 -0.53 -8.43 -23.07
N SER A 167 -0.36 -7.08 -23.09
CA SER A 167 0.73 -6.37 -22.41
C SER A 167 0.67 -6.55 -20.90
N VAL A 168 -0.53 -6.42 -20.31
CA VAL A 168 -0.82 -6.58 -18.88
C VAL A 168 -0.42 -7.99 -18.37
N PHE A 169 -0.73 -9.03 -19.15
CA PHE A 169 -0.39 -10.42 -18.84
C PHE A 169 1.06 -10.83 -19.22
N GLY A 170 1.80 -9.91 -19.84
CA GLY A 170 3.18 -10.13 -20.26
C GLY A 170 3.32 -11.08 -21.45
N LEU A 171 2.50 -10.88 -22.48
CA LEU A 171 2.48 -11.70 -23.69
C LEU A 171 2.65 -10.82 -24.94
N LEU A 174 -1.63 -12.36 -28.23
CA LEU A 174 -2.83 -13.06 -27.82
C LEU A 174 -3.67 -13.59 -28.98
N GLU A 175 -3.99 -14.89 -28.94
CA GLU A 175 -4.81 -15.57 -29.93
C GLU A 175 -6.24 -15.06 -29.86
N SER A 176 -6.86 -14.80 -31.03
CA SER A 176 -8.22 -14.29 -31.19
C SER A 176 -9.28 -15.04 -30.38
N LYS A 177 -9.24 -16.40 -30.37
CA LYS A 177 -10.19 -17.24 -29.65
C LYS A 177 -10.01 -17.12 -28.14
N THR A 178 -8.73 -17.12 -27.67
CA THR A 178 -8.39 -16.98 -26.25
C THR A 178 -8.89 -15.62 -25.77
N TRP A 179 -8.67 -14.60 -26.61
CA TRP A 179 -9.10 -13.23 -26.37
C TRP A 179 -10.64 -13.11 -26.23
N LYS A 180 -11.40 -13.66 -27.18
CA LYS A 180 -12.87 -13.61 -27.12
C LYS A 180 -13.47 -14.31 -25.91
N GLU A 181 -12.83 -15.39 -25.47
CA GLU A 181 -13.31 -16.08 -24.30
C GLU A 181 -13.01 -15.39 -22.96
N MET A 182 -11.91 -14.60 -22.87
CA MET A 182 -11.56 -13.83 -21.66
C MET A 182 -12.60 -12.77 -21.42
N ILE A 183 -13.08 -12.15 -22.49
CA ILE A 183 -14.01 -11.03 -22.44
C ILE A 183 -15.47 -11.48 -22.55
N SER A 184 -15.70 -12.81 -22.62
CA SER A 184 -17.02 -13.43 -22.70
C SER A 184 -17.80 -13.15 -21.40
N GLY A 185 -18.97 -12.56 -21.56
CA GLY A 185 -19.81 -12.22 -20.42
C GLY A 185 -19.31 -10.98 -19.68
N ILE A 186 -18.29 -10.30 -20.25
CA ILE A 186 -17.70 -9.08 -19.72
C ILE A 186 -17.97 -7.96 -20.74
N ASP A 187 -17.67 -8.23 -22.02
CA ASP A 187 -17.96 -7.31 -23.12
C ASP A 187 -19.47 -7.48 -23.42
N SER A 188 -20.30 -6.87 -22.55
CA SER A 188 -21.77 -6.92 -22.57
C SER A 188 -22.36 -6.47 -23.91
N ASN A 189 -21.87 -5.35 -24.47
CA ASN A 189 -22.36 -4.78 -25.75
C ASN A 189 -21.70 -5.43 -26.99
N ASN A 190 -20.74 -6.36 -26.78
CA ASN A 190 -20.01 -7.10 -27.83
C ASN A 190 -19.34 -6.19 -28.90
N ASP A 191 -18.36 -5.34 -28.49
CA ASP A 191 -17.61 -4.45 -29.41
C ASP A 191 -16.10 -4.72 -29.41
N GLY A 192 -15.69 -5.80 -28.73
CA GLY A 192 -14.31 -6.24 -28.62
C GLY A 192 -13.45 -5.46 -27.63
N ASP A 193 -14.04 -4.58 -26.82
CA ASP A 193 -13.31 -3.79 -25.82
C ASP A 193 -14.07 -3.79 -24.49
N VAL A 194 -13.36 -3.52 -23.38
CA VAL A 194 -13.95 -3.44 -22.05
C VAL A 194 -13.90 -1.99 -21.57
N ASP A 195 -15.06 -1.33 -21.50
CA ASP A 195 -15.14 0.05 -21.00
C ASP A 195 -15.28 0.02 -19.45
N PHE A 196 -15.29 1.20 -18.78
CA PHE A 196 -15.36 1.27 -17.32
C PHE A 196 -16.57 0.61 -16.70
N GLU A 197 -17.75 0.80 -17.31
CA GLU A 197 -18.99 0.17 -16.82
C GLU A 197 -18.95 -1.36 -16.94
N GLU A 198 -18.35 -1.90 -18.02
CA GLU A 198 -18.24 -3.36 -18.18
C GLU A 198 -17.15 -3.92 -17.23
N PHE A 199 -16.11 -3.12 -16.95
CA PHE A 199 -15.06 -3.55 -16.02
C PHE A 199 -15.64 -3.64 -14.58
N CYS A 200 -16.45 -2.61 -14.19
CA CYS A 200 -17.12 -2.52 -12.90
C CYS A 200 -18.03 -3.68 -12.65
N LYS A 201 -18.80 -4.09 -13.68
CA LYS A 201 -19.76 -5.21 -13.65
C LYS A 201 -19.06 -6.55 -13.62
N MET A 202 -17.89 -6.64 -14.27
CA MET A 202 -17.06 -7.86 -14.27
C MET A 202 -16.66 -8.22 -12.83
N ILE A 203 -16.16 -7.24 -12.05
CA ILE A 203 -15.72 -7.43 -10.67
C ILE A 203 -16.90 -7.73 -9.74
N GLN A 204 -18.06 -7.08 -10.00
CA GLN A 204 -19.33 -7.29 -9.27
C GLN A 204 -19.77 -8.73 -9.45
N LYS A 205 -19.80 -9.22 -10.70
CA LYS A 205 -20.17 -10.61 -10.97
C LYS A 205 -19.24 -11.57 -10.20
N LEU A 206 -17.92 -11.32 -10.25
CA LEU A 206 -16.92 -12.14 -9.53
C LEU A 206 -17.14 -12.14 -8.00
N CYS A 207 -17.45 -10.97 -7.42
CA CYS A 207 -17.61 -10.77 -5.98
C CYS A 207 -19.00 -11.04 -5.37
N SER A 208 -20.06 -11.11 -6.20
CA SER A 208 -21.45 -11.33 -5.78
C SER A 208 -21.71 -12.61 -4.96
N ASN A 209 -22.54 -12.47 -3.92
CA ASN A 209 -22.99 -13.56 -3.06
C ASN A 209 -24.32 -14.16 -3.56
N ASN A 210 -24.72 -13.82 -4.81
CA ASN A 210 -25.98 -14.31 -5.39
C ASN A 210 -25.81 -15.35 -6.50
N GLU B 24 21.22 35.56 33.94
CA GLU B 24 20.54 35.18 32.70
C GLU B 24 20.90 36.12 31.55
N LEU B 25 20.90 35.60 30.32
CA LEU B 25 21.18 36.30 29.05
C LEU B 25 19.96 36.09 28.15
N PRO B 26 18.99 37.03 28.14
CA PRO B 26 17.73 36.80 27.39
C PRO B 26 17.82 36.48 25.92
N SER B 27 18.75 37.05 25.17
CA SER B 27 18.78 36.72 23.73
C SER B 27 19.30 35.29 23.52
N LEU B 28 20.22 34.84 24.38
CA LEU B 28 20.77 33.48 24.28
C LEU B 28 19.71 32.47 24.68
N ALA B 29 18.96 32.75 25.76
CA ALA B 29 17.87 31.89 26.24
C ALA B 29 16.81 31.80 25.14
N ASN B 30 16.40 32.95 24.56
CA ASN B 30 15.39 33.00 23.51
C ASN B 30 15.84 32.19 22.33
N ALA B 31 17.12 32.28 21.94
CA ALA B 31 17.66 31.51 20.81
C ALA B 31 17.56 29.99 21.05
N ILE B 32 17.92 29.50 22.24
CA ILE B 32 17.87 28.08 22.54
C ILE B 32 16.40 27.60 22.59
N GLU B 33 15.54 28.33 23.31
CA GLU B 33 14.10 28.08 23.44
C GLU B 33 13.46 27.95 22.05
N ASN B 34 13.68 28.95 21.18
CA ASN B 34 13.15 28.94 19.82
C ASN B 34 13.59 27.71 19.07
N MET B 35 14.87 27.27 19.23
CA MET B 35 15.31 26.06 18.52
CA MET B 35 15.41 26.06 18.57
C MET B 35 14.65 24.80 19.04
N ARG B 36 14.49 24.66 20.36
CA ARG B 36 13.81 23.49 20.94
C ARG B 36 12.35 23.46 20.49
N LYS B 37 11.63 24.60 20.53
CA LYS B 37 10.26 24.72 20.04
C LYS B 37 10.16 24.24 18.58
N PHE B 38 11.08 24.74 17.71
CA PHE B 38 11.14 24.34 16.30
C PHE B 38 11.44 22.85 16.15
N GLN B 39 12.45 22.32 16.87
CA GLN B 39 12.84 20.92 16.77
C GLN B 39 11.71 19.98 17.21
N ASN B 40 11.03 20.32 18.34
CA ASN B 40 9.91 19.52 18.86
C ASN B 40 8.69 19.55 17.92
N SER B 41 8.31 20.73 17.42
CA SER B 41 7.16 20.85 16.52
C SER B 41 7.37 20.12 15.18
N GLN B 42 8.62 20.15 14.68
CA GLN B 42 9.03 19.44 13.46
C GLN B 42 8.94 17.93 13.67
N LYS B 43 9.40 17.42 14.85
CA LYS B 43 9.35 16.00 15.22
C LYS B 43 7.90 15.47 15.19
N LEU B 44 6.94 16.25 15.73
CA LEU B 44 5.53 15.82 15.69
C LEU B 44 4.97 15.74 14.25
N ALA B 45 5.23 16.78 13.45
CA ALA B 45 4.76 16.88 12.08
C ALA B 45 5.41 15.76 11.24
N GLN B 46 6.69 15.48 11.48
CA GLN B 46 7.41 14.42 10.78
C GLN B 46 6.84 13.03 11.08
N ALA B 47 6.51 12.75 12.34
CA ALA B 47 5.91 11.48 12.76
C ALA B 47 4.56 11.23 12.08
N ALA B 48 3.74 12.28 11.97
CA ALA B 48 2.44 12.19 11.27
C ALA B 48 2.63 11.92 9.78
N LEU B 49 3.53 12.67 9.15
CA LEU B 49 3.86 12.51 7.73
C LEU B 49 4.46 11.14 7.48
N LEU B 50 5.39 10.69 8.32
CA LEU B 50 5.92 9.34 8.10
C LEU B 50 4.83 8.25 8.23
N TYR B 51 3.86 8.41 9.15
CA TYR B 51 2.78 7.44 9.30
C TYR B 51 2.01 7.38 7.97
N MET B 52 1.64 8.55 7.43
CA MET B 52 0.91 8.68 6.15
C MET B 52 1.68 8.02 5.00
N ALA B 53 2.96 8.29 4.89
CA ALA B 53 3.79 7.80 3.78
C ALA B 53 4.03 6.30 3.83
N SER B 54 4.20 5.74 5.02
CA SER B 54 4.50 4.32 5.12
C SER B 54 3.28 3.41 5.32
N LYS B 55 2.20 3.94 5.92
CA LYS B 55 1.02 3.14 6.27
C LYS B 55 -0.25 3.43 5.47
N LEU B 56 -0.32 4.58 4.78
CA LEU B 56 -1.52 4.96 4.05
C LEU B 56 -1.32 4.91 2.56
N THR B 57 -0.17 4.41 2.12
CA THR B 57 0.13 4.45 0.70
C THR B 57 0.00 3.06 0.09
N SER B 58 -0.23 2.99 -1.22
CA SER B 58 -0.32 1.71 -1.91
C SER B 58 0.98 1.40 -2.63
N GLN B 59 1.16 0.16 -3.13
CA GLN B 59 2.37 -0.18 -3.90
C GLN B 59 2.38 0.51 -5.26
N GLU B 60 1.19 0.68 -5.87
CA GLU B 60 1.09 1.33 -7.19
C GLU B 60 1.53 2.80 -7.06
N GLU B 61 1.11 3.46 -6.01
CA GLU B 61 1.47 4.86 -5.84
C GLU B 61 2.94 5.16 -5.49
N THR B 62 3.68 4.16 -5.00
CA THR B 62 5.10 4.30 -4.65
C THR B 62 5.97 3.39 -5.56
N LYS B 63 5.44 2.87 -6.72
CA LYS B 63 6.23 1.95 -7.57
C LYS B 63 7.59 2.52 -8.04
N GLU B 64 7.59 3.76 -8.52
CA GLU B 64 8.80 4.45 -8.98
C GLU B 64 9.77 4.66 -7.84
N LEU B 65 9.29 5.07 -6.65
CA LEU B 65 10.14 5.22 -5.45
C LEU B 65 10.77 3.91 -5.03
N THR B 66 10.01 2.81 -5.12
CA THR B 66 10.45 1.45 -4.76
C THR B 66 11.57 1.01 -5.68
N ASP B 67 11.37 1.11 -7.02
CA ASP B 67 12.38 0.77 -8.04
C ASP B 67 13.66 1.58 -7.78
N ILE B 68 13.53 2.89 -7.51
CA ILE B 68 14.71 3.75 -7.19
C ILE B 68 15.40 3.26 -5.89
N PHE B 69 14.62 3.09 -4.84
CA PHE B 69 15.18 2.65 -3.54
C PHE B 69 15.93 1.31 -3.70
N ARG B 70 15.30 0.31 -4.37
CA ARG B 70 15.88 -1.01 -4.63
C ARG B 70 17.19 -0.91 -5.42
N HIS B 71 17.24 -0.02 -6.44
CA HIS B 71 18.47 0.21 -7.23
C HIS B 71 19.61 0.79 -6.39
N ILE B 72 19.31 1.73 -5.48
CA ILE B 72 20.33 2.34 -4.60
C ILE B 72 20.76 1.35 -3.48
N ASP B 73 19.82 0.49 -2.98
CA ASP B 73 20.09 -0.46 -1.90
C ASP B 73 20.82 -1.71 -2.41
N LYS B 74 22.10 -1.54 -2.79
CA LYS B 74 23.00 -2.55 -3.38
C LYS B 74 23.14 -3.85 -2.59
N ASN B 75 23.31 -3.76 -1.26
CA ASN B 75 23.43 -4.93 -0.38
C ASN B 75 22.04 -5.52 -0.02
N GLY B 76 20.98 -4.87 -0.49
CA GLY B 76 19.59 -5.28 -0.27
C GLY B 76 19.12 -5.38 1.17
N ASP B 77 19.78 -4.65 2.09
CA ASP B 77 19.42 -4.66 3.51
C ASP B 77 18.20 -3.82 3.92
N GLY B 78 17.50 -3.21 2.97
CA GLY B 78 16.31 -2.39 3.26
C GLY B 78 16.58 -0.97 3.76
N GLN B 79 17.84 -0.53 3.71
CA GLN B 79 18.19 0.83 4.15
C GLN B 79 19.27 1.40 3.25
N LEU B 80 19.33 2.73 3.15
CA LEU B 80 20.32 3.42 2.32
C LEU B 80 21.37 4.03 3.19
N ASP B 81 22.61 3.53 3.10
CA ASP B 81 23.68 4.11 3.88
C ASP B 81 24.28 5.27 3.06
N ARG B 82 25.18 6.06 3.67
CA ARG B 82 25.84 7.19 3.01
C ARG B 82 26.64 6.81 1.73
N GLN B 83 27.30 5.65 1.73
CA GLN B 83 28.09 5.19 0.58
C GLN B 83 27.20 4.79 -0.61
N GLU B 84 26.07 4.13 -0.30
CA GLU B 84 25.08 3.70 -1.31
C GLU B 84 24.45 4.92 -1.96
N LEU B 85 24.14 5.95 -1.15
CA LEU B 85 23.55 7.20 -1.65
C LEU B 85 24.50 7.94 -2.61
N ILE B 86 25.82 7.89 -2.32
CA ILE B 86 26.88 8.52 -3.12
C ILE B 86 26.97 7.80 -4.49
N ASP B 87 27.18 6.46 -4.48
CA ASP B 87 27.27 5.61 -5.67
C ASP B 87 26.00 5.60 -6.52
N GLY B 88 24.85 5.71 -5.87
CA GLY B 88 23.54 5.69 -6.52
C GLY B 88 22.94 7.05 -6.79
N TYR B 89 23.73 8.13 -6.62
CA TYR B 89 23.27 9.50 -6.85
C TYR B 89 22.58 9.71 -8.21
N SER B 90 23.13 9.08 -9.27
CA SER B 90 22.60 9.13 -10.64
C SER B 90 21.14 8.63 -10.78
N LYS B 91 20.71 7.70 -9.90
CA LYS B 91 19.32 7.20 -9.87
C LYS B 91 18.41 8.25 -9.25
N LEU B 92 18.95 9.13 -8.36
CA LEU B 92 18.14 10.20 -7.79
C LEU B 92 17.92 11.34 -8.79
N SER B 93 18.85 11.51 -9.72
CA SER B 93 18.73 12.51 -10.80
C SER B 93 18.12 12.03 -12.12
N GLU B 96 23.80 11.48 -15.47
CA GLU B 96 25.19 11.17 -15.19
C GLU B 96 25.91 12.29 -14.44
N VAL B 97 26.90 11.91 -13.61
CA VAL B 97 27.72 12.83 -12.82
C VAL B 97 29.19 12.73 -13.25
N ALA B 98 29.96 13.82 -13.08
CA ALA B 98 31.38 13.83 -13.45
C ALA B 98 32.24 13.11 -12.39
N VAL B 99 33.36 12.49 -12.83
CA VAL B 99 34.31 11.75 -11.99
C VAL B 99 34.88 12.59 -10.84
N PHE B 100 35.11 13.90 -11.08
CA PHE B 100 35.63 14.84 -10.11
C PHE B 100 34.55 15.49 -9.24
N ASP B 101 33.27 15.09 -9.43
CA ASP B 101 32.12 15.65 -8.68
C ASP B 101 31.82 15.06 -7.31
N LEU B 102 32.65 14.09 -6.82
CA LEU B 102 32.50 13.47 -5.50
C LEU B 102 32.34 14.48 -4.35
N PRO B 103 33.18 15.55 -4.21
CA PRO B 103 32.96 16.51 -3.11
C PRO B 103 31.53 17.09 -3.07
N GLN B 104 30.95 17.42 -4.24
CA GLN B 104 29.58 17.95 -4.32
C GLN B 104 28.52 16.86 -4.08
N ILE B 105 28.72 15.64 -4.64
CA ILE B 105 27.80 14.50 -4.43
C ILE B 105 27.72 14.24 -2.91
N GLU B 106 28.87 14.21 -2.21
CA GLU B 106 28.97 14.01 -0.76
C GLU B 106 28.19 15.09 0.00
N SER B 107 28.30 16.35 -0.46
CA SER B 107 27.61 17.51 0.09
C SER B 107 26.10 17.34 -0.12
N GLU B 108 25.69 16.90 -1.33
CA GLU B 108 24.29 16.65 -1.70
C GLU B 108 23.66 15.53 -0.87
N VAL B 109 24.45 14.46 -0.62
CA VAL B 109 24.07 13.30 0.17
C VAL B 109 23.80 13.71 1.64
N ASP B 110 24.70 14.52 2.23
CA ASP B 110 24.56 15.04 3.60
C ASP B 110 23.28 15.86 3.78
N ALA B 111 22.87 16.62 2.73
CA ALA B 111 21.61 17.38 2.75
C ALA B 111 20.42 16.40 2.70
N ILE B 112 20.50 15.32 1.88
CA ILE B 112 19.46 14.31 1.78
C ILE B 112 19.31 13.68 3.16
N LEU B 113 20.45 13.23 3.77
CA LEU B 113 20.41 12.61 5.10
C LEU B 113 19.85 13.58 6.14
N GLY B 114 20.23 14.85 6.06
CA GLY B 114 19.71 15.88 6.94
C GLY B 114 18.21 16.09 6.84
N ALA B 115 17.67 16.03 5.61
CA ALA B 115 16.24 16.22 5.33
C ALA B 115 15.41 14.98 5.54
N ALA B 116 15.98 13.79 5.34
CA ALA B 116 15.23 12.54 5.39
C ALA B 116 15.50 11.62 6.56
N ASP B 117 16.68 11.71 7.22
CA ASP B 117 16.95 10.80 8.32
C ASP B 117 16.30 11.25 9.64
N PHE B 118 15.01 10.94 9.81
CA PHE B 118 14.22 11.38 10.97
C PHE B 118 14.67 10.86 12.33
N ASP B 119 15.01 9.55 12.42
CA ASP B 119 15.43 8.91 13.67
C ASP B 119 16.93 9.06 13.92
N ARG B 120 17.61 9.86 13.06
CA ARG B 120 19.04 10.19 13.11
C ARG B 120 20.00 9.00 13.30
N ASN B 121 19.63 7.83 12.75
CA ASN B 121 20.48 6.63 12.87
C ASN B 121 21.57 6.52 11.76
N GLY B 122 21.64 7.50 10.86
CA GLY B 122 22.60 7.53 9.75
C GLY B 122 22.21 6.71 8.53
N TYR B 123 20.95 6.26 8.45
CA TYR B 123 20.42 5.49 7.32
C TYR B 123 19.06 6.03 6.90
N ILE B 124 18.72 5.89 5.61
CA ILE B 124 17.42 6.28 5.11
C ILE B 124 16.67 4.97 4.90
N ASP B 125 15.69 4.68 5.76
CA ASP B 125 14.96 3.44 5.55
C ASP B 125 13.87 3.74 4.53
N TYR B 126 13.12 2.72 4.08
CA TYR B 126 12.11 2.89 3.05
C TYR B 126 11.03 3.96 3.38
N SER B 127 10.52 3.94 4.63
CA SER B 127 9.51 4.89 5.17
C SER B 127 10.01 6.32 5.08
N GLU B 128 11.27 6.55 5.45
CA GLU B 128 11.85 7.91 5.41
C GLU B 128 12.03 8.37 3.96
N PHE B 129 12.42 7.44 3.07
CA PHE B 129 12.59 7.73 1.65
C PHE B 129 11.25 8.14 1.00
N VAL B 130 10.19 7.37 1.22
CA VAL B 130 8.84 7.67 0.69
C VAL B 130 8.36 9.04 1.23
N THR B 131 8.53 9.27 2.55
CA THR B 131 8.16 10.54 3.19
C THR B 131 8.78 11.79 2.47
N VAL B 132 10.08 11.75 2.17
CA VAL B 132 10.71 12.92 1.53
C VAL B 132 10.52 12.98 0.01
N ALA B 133 10.41 11.80 -0.65
CA ALA B 133 10.40 11.72 -2.12
C ALA B 133 9.07 11.62 -2.84
N MET B 134 8.01 11.23 -2.13
CA MET B 134 6.73 11.04 -2.78
C MET B 134 6.08 12.36 -3.20
N ASP B 135 5.37 12.33 -4.35
CA ASP B 135 4.62 13.45 -4.93
C ASP B 135 3.59 13.89 -3.88
N ARG B 136 3.66 15.17 -3.45
CA ARG B 136 2.75 15.70 -2.41
C ARG B 136 1.29 15.64 -2.83
N LYS B 137 1.00 15.65 -4.15
CA LYS B 137 -0.38 15.54 -4.63
C LYS B 137 -0.98 14.20 -4.15
N SER B 138 -0.23 13.09 -4.23
CA SER B 138 -0.78 11.82 -3.75
C SER B 138 -0.56 11.59 -2.24
N LEU B 139 0.58 12.03 -1.70
CA LEU B 139 0.84 11.95 -0.25
C LEU B 139 -0.12 12.80 0.58
N LEU B 140 -0.52 13.96 0.06
CA LEU B 140 -1.36 14.87 0.82
C LEU B 140 -2.80 14.87 0.40
N SER B 141 -3.31 13.72 -0.08
CA SER B 141 -4.71 13.60 -0.47
C SER B 141 -5.57 13.70 0.77
N LYS B 142 -6.80 14.22 0.62
CA LYS B 142 -7.71 14.43 1.74
C LYS B 142 -7.93 13.18 2.56
N ASP B 143 -8.12 12.01 1.88
CA ASP B 143 -8.37 10.72 2.54
C ASP B 143 -7.20 10.26 3.39
N LYS B 144 -5.95 10.54 2.96
CA LYS B 144 -4.78 10.20 3.77
C LYS B 144 -4.71 11.13 5.00
N LEU B 145 -5.04 12.42 4.85
CA LEU B 145 -5.04 13.36 5.98
C LEU B 145 -6.08 12.94 7.02
N GLU B 146 -7.27 12.48 6.56
CA GLU B 146 -8.38 12.01 7.41
C GLU B 146 -8.00 10.74 8.15
N SER B 147 -7.40 9.77 7.45
CA SER B 147 -7.02 8.50 8.07
C SER B 147 -5.88 8.73 9.08
N ALA B 148 -4.93 9.61 8.75
CA ALA B 148 -3.81 9.92 9.66
C ALA B 148 -4.34 10.55 10.94
N PHE B 149 -5.26 11.52 10.80
CA PHE B 149 -5.92 12.20 11.93
C PHE B 149 -6.67 11.19 12.82
N GLN B 150 -7.44 10.29 12.20
CA GLN B 150 -8.22 9.27 12.90
C GLN B 150 -7.34 8.28 13.64
N LYS B 151 -6.09 8.10 13.21
CA LYS B 151 -5.16 7.22 13.89
C LYS B 151 -4.69 7.87 15.19
N PHE B 152 -4.42 9.19 15.16
CA PHE B 152 -3.96 9.92 16.34
C PHE B 152 -5.12 10.17 17.34
N ASP B 153 -6.32 10.48 16.84
CA ASP B 153 -7.54 10.73 17.63
C ASP B 153 -8.14 9.41 18.09
N GLN B 154 -7.49 8.78 19.07
CA GLN B 154 -7.86 7.44 19.57
C GLN B 154 -9.31 7.29 20.03
N ASP B 155 -9.83 8.24 20.83
CA ASP B 155 -11.22 8.21 21.33
C ASP B 155 -12.26 8.70 20.30
N GLY B 156 -11.81 9.15 19.13
CA GLY B 156 -12.65 9.64 18.04
C GLY B 156 -13.53 10.85 18.33
N ASN B 157 -13.10 11.74 19.24
CA ASN B 157 -13.87 12.93 19.61
C ASN B 157 -13.64 14.17 18.69
N GLY B 158 -12.75 14.04 17.70
CA GLY B 158 -12.46 15.12 16.77
C GLY B 158 -11.29 16.02 17.13
N LYS B 159 -10.56 15.69 18.21
CA LYS B 159 -9.38 16.43 18.65
C LYS B 159 -8.27 15.52 19.18
N ILE B 160 -7.00 15.84 18.88
CA ILE B 160 -5.87 15.02 19.37
C ILE B 160 -5.37 15.69 20.64
N SER B 161 -5.31 14.94 21.74
CA SER B 161 -4.86 15.44 23.03
C SER B 161 -3.47 14.92 23.41
N VAL B 162 -2.90 15.43 24.52
CA VAL B 162 -1.59 15.06 25.09
C VAL B 162 -1.49 13.56 25.29
N ASP B 163 -2.45 12.99 26.03
CA ASP B 163 -2.51 11.56 26.35
C ASP B 163 -2.59 10.71 25.09
N GLU B 164 -3.35 11.17 24.07
CA GLU B 164 -3.44 10.47 22.77
C GLU B 164 -2.10 10.55 22.05
N LEU B 165 -1.39 11.66 22.19
CA LEU B 165 -0.07 11.83 21.61
C LEU B 165 0.95 10.91 22.31
N ALA B 166 0.96 10.94 23.67
CA ALA B 166 1.82 10.10 24.51
C ALA B 166 1.68 8.62 24.14
N SER B 167 0.43 8.14 23.95
CA SER B 167 0.12 6.76 23.59
C SER B 167 0.67 6.39 22.20
N VAL B 168 0.51 7.30 21.22
CA VAL B 168 0.99 7.17 19.84
C VAL B 168 2.52 7.01 19.77
N PHE B 169 3.26 7.78 20.58
CA PHE B 169 4.73 7.75 20.65
C PHE B 169 5.27 6.62 21.58
N GLY B 170 4.37 5.90 22.26
CA GLY B 170 4.71 4.82 23.18
C GLY B 170 5.33 5.28 24.47
N GLU B 175 5.16 12.25 28.35
CA GLU B 175 5.04 13.56 27.71
C GLU B 175 4.88 14.64 28.79
N SER B 176 6.03 15.16 29.28
CA SER B 176 6.09 16.15 30.36
C SER B 176 5.81 17.58 29.88
N LYS B 177 4.65 17.78 29.23
CA LYS B 177 4.18 19.07 28.70
C LYS B 177 5.18 19.84 27.82
N THR B 178 5.96 19.07 27.04
CA THR B 178 6.88 19.55 26.00
C THR B 178 5.96 19.56 24.76
N TRP B 179 4.68 19.18 25.00
CA TRP B 179 3.53 19.10 24.12
C TRP B 179 3.20 20.51 23.63
N LYS B 180 3.32 21.49 24.54
CA LYS B 180 3.10 22.93 24.32
C LYS B 180 4.10 23.46 23.27
N GLU B 181 5.36 22.97 23.34
CA GLU B 181 6.46 23.30 22.43
C GLU B 181 6.23 22.66 21.07
N MET B 182 5.70 21.40 21.09
CA MET B 182 5.39 20.65 19.87
C MET B 182 4.18 21.25 19.16
N ILE B 183 3.31 21.93 19.93
CA ILE B 183 2.03 22.44 19.47
C ILE B 183 1.90 23.92 19.22
N ILE B 186 0.76 25.63 15.88
CA ILE B 186 -0.24 24.72 15.31
C ILE B 186 -1.60 24.84 16.01
N ASP B 187 -1.62 24.95 17.36
CA ASP B 187 -2.84 25.08 18.16
C ASP B 187 -3.35 26.53 18.04
N SER B 188 -4.13 26.78 16.96
CA SER B 188 -4.68 28.11 16.64
C SER B 188 -5.61 28.69 17.70
N ASN B 189 -6.62 27.93 18.15
CA ASN B 189 -7.60 28.36 19.15
C ASN B 189 -7.14 28.15 20.62
N ASN B 190 -5.82 27.86 20.83
CA ASN B 190 -5.19 27.66 22.14
C ASN B 190 -6.00 26.81 23.14
N ASP B 191 -6.63 25.71 22.68
CA ASP B 191 -7.42 24.82 23.53
C ASP B 191 -6.63 23.61 24.04
N GLY B 192 -5.34 23.53 23.67
CA GLY B 192 -4.45 22.46 24.10
C GLY B 192 -4.61 21.16 23.32
N ASP B 193 -5.54 21.15 22.33
CA ASP B 193 -5.84 19.99 21.46
C ASP B 193 -5.59 20.35 20.00
N VAL B 194 -5.40 19.32 19.15
CA VAL B 194 -5.21 19.48 17.72
C VAL B 194 -6.45 18.93 16.99
N ASP B 195 -7.26 19.82 16.41
CA ASP B 195 -8.43 19.39 15.64
C ASP B 195 -7.99 19.12 14.18
N PHE B 196 -8.90 18.64 13.31
CA PHE B 196 -8.55 18.31 11.92
C PHE B 196 -7.95 19.45 11.09
N GLU B 197 -8.54 20.66 11.18
CA GLU B 197 -8.07 21.84 10.45
C GLU B 197 -6.64 22.17 10.85
N GLU B 198 -6.36 22.14 12.18
CA GLU B 198 -5.05 22.45 12.74
C GLU B 198 -4.02 21.37 12.37
N PHE B 199 -4.45 20.08 12.32
CA PHE B 199 -3.59 18.95 11.92
C PHE B 199 -3.19 19.15 10.46
N CYS B 200 -4.15 19.53 9.62
CA CYS B 200 -3.92 19.76 8.18
C CYS B 200 -2.90 20.89 7.97
N LYS B 201 -3.05 22.00 8.74
CA LYS B 201 -2.14 23.16 8.68
C LYS B 201 -0.75 22.79 9.15
N MET B 202 -0.63 21.93 10.16
CA MET B 202 0.66 21.43 10.66
C MET B 202 1.44 20.75 9.52
N ILE B 203 0.78 19.83 8.76
CA ILE B 203 1.42 19.11 7.65
C ILE B 203 1.75 20.04 6.48
N GLN B 204 0.87 21.02 6.20
CA GLN B 204 1.05 22.06 5.19
C GLN B 204 2.30 22.86 5.52
N LYS B 205 2.44 23.35 6.77
CA LYS B 205 3.63 24.10 7.19
C LYS B 205 4.88 23.27 6.95
N LEU B 206 4.86 21.97 7.34
CA LEU B 206 6.00 21.06 7.13
C LEU B 206 6.36 20.88 5.64
N CYS B 207 5.34 20.72 4.78
CA CYS B 207 5.51 20.45 3.36
C CYS B 207 5.69 21.65 2.42
N SER B 208 5.31 22.86 2.85
CA SER B 208 5.36 24.11 2.07
C SER B 208 6.75 24.47 1.50
N ASN B 209 6.73 24.98 0.25
CA ASN B 209 7.92 25.48 -0.45
C ASN B 209 8.10 27.01 -0.24
N ASN B 210 7.39 27.58 0.77
CA ASN B 210 7.43 29.01 1.06
C ASN B 210 8.22 29.40 2.31
CA CA C . -1.17 -19.80 -5.07
CA CA D . -7.18 1.53 -24.17
CA CA E . -17.55 -3.66 -24.63
CA CA F . 5.00 -20.43 4.99
C1 GOL G . 3.96 -11.51 3.65
O1 GOL G . 4.98 -12.42 4.06
C2 GOL G . 4.20 -10.19 4.36
O2 GOL G . 3.90 -10.36 5.75
C3 GOL G . 3.43 -9.05 3.71
O3 GOL G . 3.38 -7.90 4.56
CA CA H . 16.90 6.73 9.57
CA CA I . 21.70 -0.81 1.97
CA CA J . -9.29 12.54 20.98
CA CA K . -6.65 23.67 19.11
OH2 1PE L . 6.80 -0.24 7.10
C12 1PE L . 6.98 0.84 6.16
C22 1PE L . 6.85 0.37 4.71
OH3 1PE L . 5.63 0.96 4.15
C13 1PE L . 4.55 1.65 1.87
C23 1PE L . 5.79 1.35 2.76
OH4 1PE L . 4.21 0.51 1.00
C14 1PE L . 2.51 -1.30 0.66
C24 1PE L . 2.79 0.19 0.97
OH5 1PE L . 1.10 -1.64 0.72
C15 1PE L . -0.19 -3.69 1.45
C25 1PE L . 0.95 -3.08 0.62
OH6 1PE L . -1.06 -4.55 0.64
C1 GOL M . 7.71 11.48 -7.87
O1 GOL M . 7.16 12.79 -7.53
C2 GOL M . 6.62 10.40 -7.84
O2 GOL M . 6.82 9.34 -8.77
C3 GOL M . 6.70 9.75 -6.49
O3 GOL M . 5.43 10.02 -5.96
C1 GOL N . 0.18 13.17 30.08
O1 GOL N . -0.12 14.57 29.97
C2 GOL N . 1.64 13.00 30.47
O2 GOL N . 1.97 11.63 30.31
C3 GOL N . 1.92 13.52 31.90
O3 GOL N . 3.35 13.46 32.21
C1 GOL O . 22.05 12.54 10.58
O1 GOL O . 22.07 11.52 9.57
C2 GOL O . 21.47 13.85 10.03
O2 GOL O . 22.49 14.87 10.03
C3 GOL O . 20.26 14.31 10.86
O3 GOL O . 20.62 15.15 11.97
#